data_2V2A
#
_entry.id   2V2A
#
_cell.length_a   106.302
_cell.length_b   106.302
_cell.length_c   56.439
_cell.angle_alpha   90.00
_cell.angle_beta   90.00
_cell.angle_gamma   90.00
#
_symmetry.space_group_name_H-M   'P 4 21 2'
#
loop_
_entity.id
_entity.type
_entity.pdbx_description
1 polymer 'RHAMNULOSE-1-PHOSPHATE ALDOLASE'
2 non-polymer 'ZINC ION'
3 non-polymer 1,3-DIHYDROXYACETONEPHOSPHATE
4 water water
#
_entity_poly.entity_id   1
_entity_poly.type   'polypeptide(L)'
_entity_poly.pdbx_seq_one_letter_code
;MQNITQSWFVQGMIKATTDAWLKGWDERNGGNLTLRLDDADIAPYHDNFHQQPRYIPLSQPMPLLANTPFIVTGSGKFFR
NVQLDPAANLGIVKVDSDGAGYHILWGLTNEAVPTSELPAHFLSHCERIKATNGKDRVIMHCHATNLIALTYVLENDTAV
FTRQLWEGSTECLVVFPDGVGILPWMVPGTDAIGQATAQEMQKHSLVLWPFHGVFGSGPTLDETFGLIDTAEKSAQVLVK
VYSMGGMGQTISAAELIALGKRFGVTPLASALAL
;
_entity_poly.pdbx_strand_id   A
#
loop_
_chem_comp.id
_chem_comp.type
_chem_comp.name
_chem_comp.formula
13P non-polymer 1,3-DIHYDROXYACETONEPHOSPHATE 'C3 H7 O6 P'
ZN non-polymer 'ZINC ION' 'Zn 2'
#
# COMPACT_ATOMS: atom_id res chain seq x y z
N MET A 1 -8.05 22.16 -14.72
N MET A 1 -9.19 28.09 -10.80
CA MET A 1 -7.12 23.34 -14.62
CA MET A 1 -9.70 26.88 -10.12
C MET A 1 -5.83 22.99 -13.90
C MET A 1 -9.15 25.64 -10.81
N GLN A 2 -4.80 23.79 -14.17
N GLN A 2 -8.73 24.69 -10.01
CA GLN A 2 -3.53 23.74 -13.47
CA GLN A 2 -8.38 23.40 -10.54
C GLN A 2 -3.62 24.17 -11.98
C GLN A 2 -6.87 23.17 -10.49
N ASN A 3 -4.80 24.02 -11.39
N ASN A 3 -6.12 24.25 -10.38
CA ASN A 3 -4.93 23.96 -9.92
CA ASN A 3 -4.70 24.14 -10.13
C ASN A 3 -4.54 22.53 -9.56
C ASN A 3 -4.32 22.69 -9.80
N ILE A 4 -3.39 22.39 -8.90
N ILE A 4 -3.39 22.52 -8.86
CA ILE A 4 -2.83 21.06 -8.61
CA ILE A 4 -2.83 21.19 -8.58
C ILE A 4 -3.77 20.17 -7.79
C ILE A 4 -3.77 20.22 -7.82
N THR A 5 -4.65 20.77 -6.99
CA THR A 5 -5.60 19.98 -6.21
C THR A 5 -6.60 19.24 -7.13
N GLN A 6 -6.76 19.73 -8.36
CA GLN A 6 -7.67 19.08 -9.31
C GLN A 6 -6.96 18.14 -10.28
N SER A 7 -5.65 17.95 -10.06
CA SER A 7 -4.86 17.00 -10.85
C SER A 7 -5.37 15.60 -10.64
N TRP A 8 -5.10 14.71 -11.59
CA TRP A 8 -5.53 13.31 -11.44
C TRP A 8 -4.96 12.69 -10.18
N PHE A 9 -3.70 13.01 -9.87
CA PHE A 9 -3.03 12.34 -8.75
C PHE A 9 -3.45 12.87 -7.38
N VAL A 10 -3.69 14.19 -7.25
CA VAL A 10 -4.22 14.70 -5.98
C VAL A 10 -5.65 14.21 -5.78
N GLN A 11 -6.47 14.30 -6.82
CA GLN A 11 -7.83 13.77 -6.77
C GLN A 11 -7.83 12.26 -6.43
N GLY A 12 -6.89 11.53 -7.02
CA GLY A 12 -6.78 10.08 -6.77
C GLY A 12 -6.40 9.78 -5.33
N MET A 13 -5.48 10.58 -4.80
CA MET A 13 -5.07 10.42 -3.39
C MET A 13 -6.25 10.74 -2.46
N ILE A 14 -7.04 11.75 -2.81
CA ILE A 14 -8.21 12.10 -2.00
C ILE A 14 -9.21 10.95 -2.05
N LYS A 15 -9.46 10.42 -3.23
CA LYS A 15 -10.44 9.36 -3.37
C LYS A 15 -10.03 8.15 -2.55
N ALA A 16 -8.77 7.74 -2.65
CA ALA A 16 -8.30 6.53 -1.99
C ALA A 16 -8.35 6.66 -0.46
N THR A 17 -7.83 7.78 0.05
CA THR A 17 -7.81 7.98 1.50
C THR A 17 -9.21 8.14 2.05
N THR A 18 -10.07 8.84 1.31
CA THR A 18 -11.44 9.05 1.74
C THR A 18 -12.18 7.72 1.76
N ASP A 19 -12.04 6.94 0.69
CA ASP A 19 -12.69 5.64 0.63
C ASP A 19 -12.22 4.75 1.77
N ALA A 20 -10.91 4.77 2.04
CA ALA A 20 -10.38 3.94 3.11
C ALA A 20 -10.91 4.39 4.50
N TRP A 21 -10.97 5.70 4.70
CA TRP A 21 -11.61 6.26 5.91
C TRP A 21 -13.05 5.73 6.05
N LEU A 22 -13.83 5.80 4.98
CA LEU A 22 -15.23 5.37 5.04
C LEU A 22 -15.38 3.85 5.31
N LYS A 23 -14.38 3.10 4.88
CA LYS A 23 -14.36 1.64 5.14
C LYS A 23 -14.08 1.31 6.62
N GLY A 24 -13.61 2.31 7.38
CA GLY A 24 -13.28 2.10 8.78
C GLY A 24 -11.89 1.53 8.97
N TRP A 25 -11.03 1.72 7.96
CA TRP A 25 -9.68 1.16 7.98
C TRP A 25 -8.62 2.13 8.48
N ASP A 26 -9.00 3.37 8.78
CA ASP A 26 -7.99 4.40 9.00
C ASP A 26 -8.42 5.40 10.06
N GLU A 27 -8.68 4.85 11.25
CA GLU A 27 -8.90 5.65 12.45
C GLU A 27 -7.68 6.54 12.71
N ARG A 28 -7.95 7.74 13.23
CA ARG A 28 -6.89 8.68 13.60
CA ARG A 28 -6.89 8.67 13.60
C ARG A 28 -5.92 8.85 12.42
N ASN A 29 -4.62 8.69 12.67
CA ASN A 29 -3.61 8.80 11.60
C ASN A 29 -3.19 7.43 11.08
N GLY A 30 -3.97 6.41 11.42
N GLY A 30 -3.98 6.39 11.35
CA GLY A 30 -3.70 5.06 10.96
CA GLY A 30 -3.57 5.00 11.07
C GLY A 30 -3.65 5.01 9.44
C GLY A 30 -3.68 4.46 9.64
N GLY A 31 -2.56 4.47 8.92
CA GLY A 31 -2.50 4.18 7.49
C GLY A 31 -1.66 5.23 6.79
N ASN A 32 -1.17 4.89 5.60
CA ASN A 32 -0.35 5.81 4.82
C ASN A 32 -0.36 5.32 3.38
N LEU A 33 -0.10 6.24 2.46
CA LEU A 33 -0.27 5.97 1.05
C LEU A 33 0.74 6.78 0.29
N THR A 34 1.44 6.11 -0.63
CA THR A 34 2.41 6.80 -1.49
C THR A 34 2.24 6.30 -2.91
N LEU A 35 2.34 7.24 -3.84
CA LEU A 35 2.12 7.02 -5.24
C LEU A 35 3.33 7.60 -5.99
N ARG A 36 3.98 6.76 -6.79
CA ARG A 36 5.12 7.19 -7.59
C ARG A 36 4.60 7.84 -8.85
N LEU A 37 5.08 9.07 -9.09
CA LEU A 37 4.68 9.85 -10.25
C LEU A 37 5.81 9.94 -11.28
N ASP A 38 5.49 10.51 -12.43
CA ASP A 38 6.49 10.89 -13.44
C ASP A 38 6.69 12.41 -13.39
N ASP A 39 7.85 12.89 -13.85
CA ASP A 39 8.08 14.33 -13.93
C ASP A 39 6.96 14.98 -14.74
N ALA A 40 6.57 14.31 -15.82
CA ALA A 40 5.49 14.73 -16.70
C ALA A 40 4.16 14.99 -15.98
N ASP A 41 3.92 14.29 -14.87
CA ASP A 41 2.70 14.47 -14.09
C ASP A 41 2.68 15.82 -13.37
N ILE A 42 3.83 16.20 -12.82
CA ILE A 42 3.89 17.37 -11.95
C ILE A 42 4.43 18.64 -12.63
N ALA A 43 5.12 18.46 -13.75
CA ALA A 43 5.69 19.58 -14.48
C ALA A 43 4.71 20.72 -14.80
N PRO A 44 3.48 20.39 -15.27
CA PRO A 44 2.53 21.48 -15.58
C PRO A 44 2.13 22.31 -14.36
N TYR A 45 2.38 21.78 -13.17
CA TYR A 45 1.96 22.41 -11.92
C TYR A 45 3.08 23.13 -11.17
N HIS A 46 4.24 23.31 -11.81
CA HIS A 46 5.40 23.90 -11.12
C HIS A 46 5.10 25.25 -10.45
N ASP A 47 4.17 26.00 -11.03
CA ASP A 47 3.68 27.29 -10.52
CA ASP A 47 3.54 27.37 -10.57
C ASP A 47 3.00 27.14 -9.16
N ASN A 48 2.49 25.93 -8.90
CA ASN A 48 1.84 25.56 -7.66
C ASN A 48 2.81 25.09 -6.60
N PHE A 49 4.06 24.86 -7.00
CA PHE A 49 5.04 24.32 -6.07
C PHE A 49 5.41 25.38 -5.07
N HIS A 50 5.79 24.95 -3.87
CA HIS A 50 6.38 25.83 -2.90
C HIS A 50 7.50 26.62 -3.59
N GLN A 51 7.54 27.93 -3.34
CA GLN A 51 8.66 28.74 -3.79
C GLN A 51 9.98 28.24 -3.17
N GLN A 52 9.91 27.77 -1.91
CA GLN A 52 11.10 27.33 -1.17
C GLN A 52 10.94 25.90 -0.66
N PRO A 53 11.11 24.90 -1.54
N PRO A 53 11.25 24.90 -1.50
CA PRO A 53 10.91 23.49 -1.14
CA PRO A 53 11.02 23.49 -1.15
C PRO A 53 11.87 23.02 -0.04
C PRO A 53 11.92 23.04 -0.01
N ARG A 54 11.31 22.47 1.03
CA ARG A 54 12.07 21.97 2.18
C ARG A 54 12.80 20.69 1.80
N TYR A 55 13.96 20.46 2.39
CA TYR A 55 14.72 19.25 2.11
C TYR A 55 14.74 18.36 3.34
N ILE A 56 14.45 17.07 3.15
CA ILE A 56 14.56 16.13 4.26
C ILE A 56 15.38 14.92 3.80
N PRO A 57 16.38 14.52 4.60
CA PRO A 57 17.14 13.31 4.27
C PRO A 57 16.25 12.08 4.37
N LEU A 58 16.56 11.08 3.55
CA LEU A 58 15.95 9.76 3.71
C LEU A 58 16.65 9.02 4.83
N SER A 59 15.99 7.97 5.33
CA SER A 59 16.56 7.15 6.41
C SER A 59 17.85 6.43 6.00
N GLN A 60 17.95 6.10 4.71
CA GLN A 60 19.13 5.48 4.14
C GLN A 60 19.14 5.82 2.65
N PRO A 61 20.30 5.68 1.99
CA PRO A 61 20.33 5.96 0.56
C PRO A 61 19.42 5.03 -0.21
N MET A 62 18.68 5.61 -1.16
CA MET A 62 17.80 4.84 -2.04
C MET A 62 18.02 5.29 -3.49
N PRO A 63 19.21 4.98 -4.04
CA PRO A 63 19.62 5.47 -5.36
C PRO A 63 18.67 5.07 -6.50
N LEU A 64 17.96 3.96 -6.33
CA LEU A 64 17.01 3.52 -7.34
C LEU A 64 15.90 4.55 -7.52
N LEU A 65 15.60 5.28 -6.46
CA LEU A 65 14.56 6.32 -6.52
C LEU A 65 15.08 7.70 -6.87
N ALA A 66 16.34 7.80 -7.30
CA ALA A 66 16.90 9.11 -7.62
C ALA A 66 16.01 9.88 -8.61
N ASN A 67 15.78 11.16 -8.31
CA ASN A 67 15.01 12.06 -9.19
C ASN A 67 13.53 11.70 -9.36
N THR A 68 13.04 10.80 -8.51
CA THR A 68 11.68 10.31 -8.63
C THR A 68 10.71 11.11 -7.77
N PRO A 69 9.62 11.62 -8.39
CA PRO A 69 8.57 12.28 -7.63
C PRO A 69 7.51 11.32 -7.08
N PHE A 70 7.02 11.64 -5.89
CA PHE A 70 5.94 10.88 -5.26
C PHE A 70 4.91 11.85 -4.68
N ILE A 71 3.67 11.38 -4.57
CA ILE A 71 2.73 12.06 -3.71
C ILE A 71 2.47 11.14 -2.53
N VAL A 72 2.49 11.73 -1.33
CA VAL A 72 2.52 10.94 -0.11
C VAL A 72 1.58 11.53 0.92
N THR A 73 1.13 10.70 1.85
CA THR A 73 0.39 11.21 2.99
C THR A 73 1.35 11.65 4.08
N GLY A 74 0.92 12.61 4.90
CA GLY A 74 1.77 13.17 5.94
C GLY A 74 1.74 12.39 7.25
N SER A 75 2.82 12.51 8.02
CA SER A 75 2.91 11.86 9.31
C SER A 75 1.94 12.49 10.31
N GLY A 76 1.13 11.64 10.96
CA GLY A 76 0.17 12.08 11.96
C GLY A 76 -1.08 12.69 11.34
N LYS A 77 -1.14 12.71 10.01
CA LYS A 77 -2.32 13.25 9.34
C LYS A 77 -3.42 12.21 9.25
N PHE A 78 -4.67 12.66 9.23
CA PHE A 78 -5.82 11.76 9.23
C PHE A 78 -6.32 11.56 7.81
N PHE A 79 -6.52 10.31 7.40
CA PHE A 79 -7.15 10.04 6.09
C PHE A 79 -8.45 10.82 5.94
N ARG A 80 -9.18 10.94 7.04
CA ARG A 80 -10.49 11.62 7.04
C ARG A 80 -10.39 13.07 6.55
N ASN A 81 -9.25 13.69 6.79
CA ASN A 81 -9.07 15.12 6.54
C ASN A 81 -8.50 15.45 5.16
N VAL A 82 -8.04 14.43 4.43
CA VAL A 82 -7.36 14.68 3.15
C VAL A 82 -8.26 15.45 2.19
N GLN A 83 -9.51 15.03 2.10
CA GLN A 83 -10.50 15.71 1.28
C GLN A 83 -10.78 17.16 1.71
N LEU A 84 -10.54 17.48 2.98
CA LEU A 84 -10.84 18.81 3.49
C LEU A 84 -9.72 19.79 3.22
N ASP A 85 -8.49 19.28 3.22
CA ASP A 85 -7.32 20.12 3.04
C ASP A 85 -6.18 19.27 2.49
N PRO A 86 -6.21 19.01 1.16
CA PRO A 86 -5.20 18.15 0.56
C PRO A 86 -3.77 18.64 0.81
N ALA A 87 -3.54 19.96 0.74
CA ALA A 87 -2.19 20.52 0.94
C ALA A 87 -1.66 20.34 2.37
N ALA A 88 -2.56 20.32 3.36
CA ALA A 88 -2.16 20.09 4.75
C ALA A 88 -1.77 18.64 5.00
N ASN A 89 -2.40 17.71 4.28
CA ASN A 89 -2.34 16.30 4.60
C ASN A 89 -1.55 15.43 3.65
N LEU A 90 -1.26 16.00 2.47
CA LEU A 90 -0.51 15.32 1.44
C LEU A 90 0.67 16.18 1.06
N GLY A 91 1.67 15.56 0.48
CA GLY A 91 2.78 16.32 -0.10
C GLY A 91 3.25 15.68 -1.37
N ILE A 92 3.81 16.51 -2.26
CA ILE A 92 4.55 15.99 -3.39
C ILE A 92 6.02 16.17 -3.04
N VAL A 93 6.74 15.05 -3.07
CA VAL A 93 8.17 15.05 -2.76
C VAL A 93 8.92 14.56 -3.99
N LYS A 94 10.16 15.04 -4.15
CA LYS A 94 10.97 14.58 -5.24
C LYS A 94 12.31 14.19 -4.66
N VAL A 95 12.63 12.91 -4.80
CA VAL A 95 13.89 12.37 -4.32
C VAL A 95 15.03 13.02 -5.11
N ASP A 96 16.09 13.41 -4.41
N ASP A 96 16.11 13.33 -4.39
CA ASP A 96 17.23 14.08 -5.04
CA ASP A 96 17.29 13.97 -4.95
C ASP A 96 18.06 13.13 -5.93
C ASP A 96 18.03 13.11 -5.99
N SER A 97 19.04 13.68 -6.65
CA SER A 97 19.77 12.93 -7.68
C SER A 97 20.64 11.77 -7.16
N ASP A 98 20.88 11.73 -5.87
CA ASP A 98 21.65 10.63 -5.29
CA ASP A 98 21.66 10.67 -5.23
C ASP A 98 20.81 9.70 -4.42
N GLY A 99 19.51 9.98 -4.33
CA GLY A 99 18.62 9.16 -3.51
C GLY A 99 18.91 9.25 -2.03
N ALA A 100 19.49 10.37 -1.61
CA ALA A 100 19.87 10.57 -0.20
C ALA A 100 18.80 11.33 0.59
N GLY A 101 17.91 12.01 -0.13
CA GLY A 101 16.85 12.79 0.51
C GLY A 101 15.88 13.29 -0.54
N TYR A 102 14.93 14.12 -0.14
CA TYR A 102 13.94 14.63 -1.07
C TYR A 102 13.58 16.06 -0.74
N HIS A 103 13.07 16.77 -1.74
CA HIS A 103 12.47 18.08 -1.54
C HIS A 103 10.97 17.96 -1.48
N ILE A 104 10.35 18.72 -0.59
CA ILE A 104 8.89 18.80 -0.52
C ILE A 104 8.46 19.94 -1.42
N LEU A 105 8.00 19.57 -2.62
CA LEU A 105 7.67 20.56 -3.66
C LEU A 105 6.32 21.22 -3.42
N TRP A 106 5.37 20.46 -2.87
CA TRP A 106 4.02 20.98 -2.66
C TRP A 106 3.42 20.31 -1.44
N GLY A 107 2.60 21.04 -0.70
CA GLY A 107 1.85 20.45 0.39
C GLY A 107 2.69 20.24 1.63
N LEU A 108 2.23 19.35 2.51
CA LEU A 108 2.76 19.19 3.85
C LEU A 108 3.03 20.55 4.53
N THR A 109 2.01 21.39 4.50
CA THR A 109 2.06 22.75 5.04
C THR A 109 2.23 22.71 6.56
N ASN A 110 2.61 23.84 7.14
N ASN A 110 2.62 23.83 7.16
CA ASN A 110 2.82 23.95 8.59
CA ASN A 110 2.78 23.93 8.60
C ASN A 110 3.79 22.92 9.17
C ASN A 110 3.79 22.91 9.16
N GLU A 111 4.92 22.76 8.47
CA GLU A 111 6.04 21.92 8.92
C GLU A 111 5.73 20.42 8.96
N ALA A 112 4.70 19.99 8.25
CA ALA A 112 4.37 18.56 8.18
C ALA A 112 5.46 17.80 7.41
N VAL A 113 5.55 16.50 7.67
CA VAL A 113 6.55 15.66 7.01
C VAL A 113 5.85 14.41 6.45
N PRO A 114 6.50 13.70 5.50
CA PRO A 114 5.88 12.47 5.02
C PRO A 114 5.65 11.45 6.14
N THR A 115 4.77 10.51 5.87
CA THR A 115 4.47 9.39 6.74
C THR A 115 5.70 8.82 7.46
N SER A 116 5.52 8.51 8.75
CA SER A 116 6.55 7.85 9.54
C SER A 116 6.91 6.44 9.03
N GLU A 117 6.09 5.90 8.13
CA GLU A 117 6.35 4.61 7.49
C GLU A 117 7.01 4.81 6.13
N LEU A 118 7.61 5.97 5.92
CA LEU A 118 8.32 6.20 4.67
C LEU A 118 9.37 5.10 4.34
N PRO A 119 10.14 4.61 5.34
CA PRO A 119 11.03 3.50 5.00
C PRO A 119 10.28 2.30 4.40
N ALA A 120 9.20 1.86 5.05
CA ALA A 120 8.39 0.76 4.51
C ALA A 120 7.89 1.09 3.09
N HIS A 121 7.42 2.32 2.88
CA HIS A 121 6.92 2.71 1.56
C HIS A 121 8.00 2.72 0.49
N PHE A 122 9.02 3.55 0.70
CA PHE A 122 10.04 3.72 -0.34
C PHE A 122 10.85 2.44 -0.58
N LEU A 123 11.18 1.70 0.48
CA LEU A 123 11.92 0.45 0.27
C LEU A 123 11.07 -0.56 -0.48
N SER A 124 9.78 -0.58 -0.16
CA SER A 124 8.84 -1.46 -0.87
C SER A 124 8.68 -1.02 -2.33
N HIS A 125 8.56 0.28 -2.58
CA HIS A 125 8.57 0.79 -3.95
C HIS A 125 9.78 0.27 -4.72
N CYS A 126 10.95 0.33 -4.09
CA CYS A 126 12.18 -0.13 -4.73
C CYS A 126 12.07 -1.61 -5.14
N GLU A 127 11.65 -2.47 -4.21
CA GLU A 127 11.53 -3.90 -4.49
C GLU A 127 10.44 -4.21 -5.51
N ARG A 128 9.33 -3.48 -5.43
CA ARG A 128 8.23 -3.67 -6.38
C ARG A 128 8.57 -3.18 -7.78
N ILE A 129 9.34 -2.10 -7.88
CA ILE A 129 9.87 -1.65 -9.18
C ILE A 129 10.69 -2.79 -9.80
N LYS A 130 11.59 -3.38 -9.02
CA LYS A 130 12.42 -4.48 -9.49
C LYS A 130 11.57 -5.69 -9.86
N ALA A 131 10.63 -6.04 -8.99
CA ALA A 131 9.81 -7.25 -9.15
C ALA A 131 8.82 -7.20 -10.31
N THR A 132 8.38 -6.01 -10.69
CA THR A 132 7.33 -5.85 -11.71
C THR A 132 7.83 -5.04 -12.91
N ASN A 133 9.14 -4.90 -13.01
N ASN A 133 9.15 -4.88 -12.98
CA ASN A 133 9.76 -4.10 -14.07
CA ASN A 133 9.80 -4.10 -14.02
C ASN A 133 9.13 -2.71 -14.18
C ASN A 133 9.23 -2.69 -14.18
N GLY A 134 8.98 -2.04 -13.03
CA GLY A 134 8.51 -0.66 -12.99
C GLY A 134 7.01 -0.46 -13.16
N LYS A 135 6.23 -1.53 -13.19
CA LYS A 135 4.77 -1.45 -13.34
CA LYS A 135 4.78 -1.41 -13.36
C LYS A 135 4.10 -0.90 -12.09
N ASP A 136 4.49 -1.44 -10.93
CA ASP A 136 3.87 -1.02 -9.68
C ASP A 136 4.29 0.40 -9.33
N ARG A 137 3.33 1.19 -8.84
CA ARG A 137 3.53 2.60 -8.56
C ARG A 137 2.97 3.05 -7.21
N VAL A 138 2.31 2.13 -6.49
CA VAL A 138 1.58 2.51 -5.29
C VAL A 138 1.90 1.57 -4.16
N ILE A 139 2.16 2.12 -2.99
CA ILE A 139 2.17 1.33 -1.76
C ILE A 139 1.11 1.93 -0.85
N MET A 140 0.23 1.07 -0.36
CA MET A 140 -0.84 1.51 0.51
C MET A 140 -0.85 0.69 1.78
N HIS A 141 -0.95 1.37 2.92
CA HIS A 141 -1.07 0.72 4.23
C HIS A 141 -2.33 1.20 4.91
N CYS A 142 -3.14 0.26 5.40
CA CYS A 142 -4.29 0.64 6.20
CA CYS A 142 -4.39 0.53 6.10
C CYS A 142 -4.53 -0.41 7.27
N HIS A 143 -5.43 -0.07 8.17
CA HIS A 143 -5.76 -0.93 9.30
C HIS A 143 -7.06 -1.67 8.98
N ALA A 144 -6.94 -2.57 8.00
CA ALA A 144 -8.07 -3.34 7.48
C ALA A 144 -8.59 -4.25 8.59
N THR A 145 -9.79 -3.94 9.05
CA THR A 145 -10.33 -4.42 10.30
C THR A 145 -10.36 -5.94 10.41
N ASN A 146 -10.95 -6.60 9.42
CA ASN A 146 -11.10 -8.06 9.49
C ASN A 146 -9.79 -8.78 9.30
N LEU A 147 -8.96 -8.26 8.41
CA LEU A 147 -7.59 -8.79 8.28
C LEU A 147 -6.85 -8.73 9.61
N ILE A 148 -6.95 -7.58 10.29
CA ILE A 148 -6.34 -7.45 11.62
C ILE A 148 -6.91 -8.51 12.58
N ALA A 149 -8.24 -8.62 12.64
CA ALA A 149 -8.87 -9.60 13.54
C ALA A 149 -8.34 -11.01 13.27
N LEU A 150 -8.22 -11.36 11.99
CA LEU A 150 -7.74 -12.69 11.64
C LEU A 150 -6.31 -12.97 12.13
N THR A 151 -5.48 -11.95 12.22
CA THR A 151 -4.11 -12.17 12.70
C THR A 151 -4.05 -12.66 14.18
N TYR A 152 -5.14 -12.51 14.94
CA TYR A 152 -5.19 -13.04 16.32
C TYR A 152 -5.66 -14.48 16.38
N VAL A 153 -6.22 -14.98 15.29
CA VAL A 153 -6.85 -16.30 15.32
C VAL A 153 -6.31 -17.33 14.32
N LEU A 154 -5.81 -16.86 13.19
CA LEU A 154 -5.19 -17.76 12.21
C LEU A 154 -3.71 -17.84 12.44
N GLU A 155 -3.11 -18.96 12.03
CA GLU A 155 -1.66 -19.10 12.07
CA GLU A 155 -1.66 -19.13 12.04
C GLU A 155 -1.04 -17.99 11.25
N ASN A 156 -0.09 -17.26 11.85
CA ASN A 156 0.57 -16.17 11.15
C ASN A 156 1.63 -16.74 10.22
N ASP A 157 1.14 -17.38 9.17
CA ASP A 157 1.96 -18.12 8.21
C ASP A 157 1.46 -17.78 6.82
N THR A 158 2.38 -17.45 5.93
CA THR A 158 2.04 -17.08 4.56
C THR A 158 1.14 -18.10 3.85
N ALA A 159 1.50 -19.38 3.91
CA ALA A 159 0.73 -20.42 3.24
C ALA A 159 -0.69 -20.53 3.82
N VAL A 160 -0.78 -20.62 5.14
CA VAL A 160 -2.08 -20.82 5.81
C VAL A 160 -2.99 -19.62 5.57
N PHE A 161 -2.46 -18.42 5.81
CA PHE A 161 -3.24 -17.21 5.69
C PHE A 161 -3.67 -17.00 4.25
N THR A 162 -2.75 -17.22 3.31
CA THR A 162 -3.07 -17.10 1.88
C THR A 162 -4.20 -18.05 1.50
N ARG A 163 -4.06 -19.31 1.89
CA ARG A 163 -5.06 -20.33 1.54
C ARG A 163 -6.43 -19.96 2.09
N GLN A 164 -6.50 -19.52 3.35
CA GLN A 164 -7.78 -19.11 3.91
C GLN A 164 -8.39 -17.94 3.14
N LEU A 165 -7.59 -16.92 2.85
CA LEU A 165 -8.08 -15.77 2.09
C LEU A 165 -8.54 -16.16 0.69
N TRP A 166 -7.81 -17.06 0.04
CA TRP A 166 -8.27 -17.58 -1.25
C TRP A 166 -9.63 -18.24 -1.10
N GLU A 167 -9.81 -19.01 -0.03
CA GLU A 167 -11.07 -19.71 0.18
C GLU A 167 -12.25 -18.76 0.46
N GLY A 168 -11.97 -17.61 1.06
CA GLY A 168 -13.01 -16.68 1.53
C GLY A 168 -13.72 -15.80 0.49
N SER A 169 -13.24 -15.83 -0.76
CA SER A 169 -13.96 -15.22 -1.90
C SER A 169 -13.28 -15.74 -3.16
N THR A 170 -14.09 -16.15 -4.12
CA THR A 170 -13.57 -16.86 -5.29
C THR A 170 -12.50 -16.06 -6.02
N GLU A 171 -12.72 -14.76 -6.16
CA GLU A 171 -11.79 -13.88 -6.87
C GLU A 171 -10.37 -13.82 -6.28
N CYS A 172 -10.21 -14.21 -5.01
CA CYS A 172 -8.94 -13.89 -4.31
C CYS A 172 -7.70 -14.47 -4.97
N LEU A 173 -7.78 -15.75 -5.36
CA LEU A 173 -6.65 -16.41 -6.02
C LEU A 173 -6.25 -15.69 -7.30
N VAL A 174 -7.23 -15.16 -8.01
CA VAL A 174 -6.98 -14.43 -9.26
C VAL A 174 -6.37 -13.05 -8.99
N VAL A 175 -6.83 -12.41 -7.91
CA VAL A 175 -6.38 -11.07 -7.57
C VAL A 175 -4.98 -11.06 -6.93
N PHE A 176 -4.73 -12.05 -6.06
CA PHE A 176 -3.42 -12.22 -5.43
C PHE A 176 -2.93 -13.68 -5.48
N PRO A 177 -2.61 -14.18 -6.70
CA PRO A 177 -2.13 -15.55 -6.80
C PRO A 177 -0.78 -15.73 -6.09
N ASP A 178 -0.03 -14.64 -5.92
CA ASP A 178 1.27 -14.73 -5.24
C ASP A 178 1.07 -14.79 -3.72
N GLY A 179 -0.17 -14.62 -3.28
CA GLY A 179 -0.52 -14.77 -1.87
C GLY A 179 -0.16 -13.57 -1.02
N VAL A 180 -0.21 -13.77 0.28
CA VAL A 180 -0.08 -12.70 1.26
C VAL A 180 1.10 -13.06 2.17
N GLY A 181 2.14 -12.23 2.14
CA GLY A 181 3.27 -12.38 3.06
C GLY A 181 2.84 -11.92 4.43
N ILE A 182 3.41 -12.55 5.45
N ILE A 182 3.37 -12.55 5.49
CA ILE A 182 3.14 -12.19 6.83
CA ILE A 182 3.06 -12.10 6.84
C ILE A 182 4.49 -12.00 7.51
C ILE A 182 4.31 -12.09 7.74
N LEU A 183 4.62 -10.91 8.24
CA LEU A 183 5.78 -10.65 9.08
C LEU A 183 5.47 -11.06 10.51
N PRO A 184 6.50 -11.23 11.35
CA PRO A 184 6.24 -11.29 12.79
C PRO A 184 5.78 -9.89 13.18
N TRP A 185 5.15 -9.74 14.34
CA TRP A 185 4.92 -8.41 14.87
C TRP A 185 6.27 -7.71 14.98
N MET A 186 6.30 -6.44 14.57
CA MET A 186 7.51 -5.62 14.68
C MET A 186 7.12 -4.20 15.05
N VAL A 187 8.06 -3.48 15.66
CA VAL A 187 7.83 -2.09 16.00
C VAL A 187 7.65 -1.29 14.71
N PRO A 188 6.52 -0.54 14.60
CA PRO A 188 6.24 0.29 13.43
C PRO A 188 7.18 1.48 13.32
N GLY A 189 7.31 2.01 12.10
CA GLY A 189 8.01 3.27 11.87
C GLY A 189 9.52 3.11 11.89
N THR A 190 9.99 1.87 11.77
CA THR A 190 11.44 1.59 11.85
C THR A 190 11.98 1.20 10.47
N ASP A 191 13.29 1.29 10.25
N ASP A 191 13.31 1.36 10.36
CA ASP A 191 13.80 0.72 8.99
CA ASP A 191 14.14 0.81 9.31
C ASP A 191 13.75 -0.81 9.03
C ASP A 191 13.80 -0.67 9.12
N ALA A 192 13.83 -1.39 10.23
CA ALA A 192 13.66 -2.85 10.32
C ALA A 192 12.34 -3.31 9.71
N ILE A 193 11.23 -2.71 10.15
CA ILE A 193 9.94 -3.15 9.63
C ILE A 193 9.78 -2.79 8.15
N GLY A 194 10.35 -1.64 7.76
CA GLY A 194 10.34 -1.23 6.36
C GLY A 194 11.09 -2.19 5.45
N GLN A 195 12.31 -2.58 5.80
N GLN A 195 12.29 -2.56 5.89
CA GLN A 195 13.01 -3.52 4.93
CA GLN A 195 13.16 -3.49 5.18
C GLN A 195 12.34 -4.90 4.99
C GLN A 195 12.52 -4.88 5.08
N ALA A 196 11.87 -5.31 6.18
CA ALA A 196 11.21 -6.62 6.28
C ALA A 196 10.01 -6.67 5.35
N THR A 197 9.26 -5.58 5.31
CA THR A 197 8.11 -5.44 4.42
C THR A 197 8.58 -5.49 2.98
N ALA A 198 9.62 -4.72 2.67
CA ALA A 198 10.14 -4.65 1.30
C ALA A 198 10.59 -6.04 0.82
N GLN A 199 11.21 -6.80 1.72
CA GLN A 199 11.63 -8.15 1.40
CA GLN A 199 11.64 -8.16 1.41
C GLN A 199 10.45 -9.06 1.06
N GLU A 200 9.39 -8.95 1.84
CA GLU A 200 8.17 -9.73 1.55
C GLU A 200 7.56 -9.29 0.23
N MET A 201 7.66 -7.99 -0.06
CA MET A 201 7.14 -7.42 -1.32
C MET A 201 7.84 -7.97 -2.57
N GLN A 202 9.02 -8.57 -2.39
CA GLN A 202 9.67 -9.25 -3.52
C GLN A 202 8.86 -10.44 -4.04
N LYS A 203 8.09 -11.06 -3.13
CA LYS A 203 7.37 -12.31 -3.37
CA LYS A 203 7.37 -12.29 -3.43
C LYS A 203 5.85 -12.14 -3.37
N HIS A 204 5.36 -11.04 -2.81
CA HIS A 204 3.90 -10.86 -2.62
C HIS A 204 3.52 -9.42 -2.84
N SER A 205 2.29 -9.19 -3.31
CA SER A 205 1.80 -7.85 -3.49
C SER A 205 1.07 -7.37 -2.21
N LEU A 206 0.81 -8.30 -1.29
CA LEU A 206 0.19 -7.98 0.01
C LEU A 206 1.06 -8.51 1.12
N VAL A 207 1.21 -7.71 2.16
CA VAL A 207 2.02 -8.11 3.32
C VAL A 207 1.23 -7.73 4.56
N LEU A 208 1.09 -8.69 5.49
CA LEU A 208 0.38 -8.41 6.73
C LEU A 208 1.33 -8.13 7.86
N TRP A 209 0.96 -7.14 8.66
CA TRP A 209 1.62 -6.79 9.89
C TRP A 209 0.67 -7.22 11.00
N PRO A 210 0.96 -8.36 11.66
CA PRO A 210 0.04 -8.88 12.66
C PRO A 210 -0.34 -7.84 13.71
N PHE A 211 -1.61 -7.85 14.11
CA PHE A 211 -2.11 -6.97 15.18
C PHE A 211 -1.98 -5.50 14.78
N HIS A 212 -1.89 -5.24 13.47
CA HIS A 212 -1.65 -3.88 13.02
C HIS A 212 -2.36 -3.61 11.70
N GLY A 213 -1.98 -4.29 10.63
CA GLY A 213 -2.65 -3.98 9.37
C GLY A 213 -2.03 -4.61 8.16
N VAL A 214 -2.19 -3.95 7.02
CA VAL A 214 -1.78 -4.55 5.77
C VAL A 214 -1.06 -3.53 4.90
N PHE A 215 -0.18 -4.04 4.04
CA PHE A 215 0.45 -3.25 2.99
C PHE A 215 0.10 -3.90 1.67
N GLY A 216 -0.21 -3.06 0.68
CA GLY A 216 -0.51 -3.57 -0.66
C GLY A 216 0.28 -2.76 -1.69
N SER A 217 0.63 -3.41 -2.79
CA SER A 217 1.30 -2.75 -3.90
C SER A 217 0.56 -3.00 -5.20
N GLY A 218 0.59 -2.03 -6.11
CA GLY A 218 -0.05 -2.20 -7.40
C GLY A 218 0.27 -1.06 -8.34
N PRO A 219 -0.15 -1.18 -9.62
CA PRO A 219 0.20 -0.20 -10.65
C PRO A 219 -0.55 1.12 -10.54
N THR A 220 -1.74 1.10 -9.95
CA THR A 220 -2.54 2.32 -9.83
C THR A 220 -3.19 2.35 -8.45
N LEU A 221 -3.68 3.53 -8.07
CA LEU A 221 -4.41 3.66 -6.79
C LEU A 221 -5.58 2.70 -6.72
N ASP A 222 -6.41 2.67 -7.77
CA ASP A 222 -7.58 1.79 -7.77
C ASP A 222 -7.19 0.32 -7.69
N GLU A 223 -6.18 -0.10 -8.44
CA GLU A 223 -5.78 -1.51 -8.41
CA GLU A 223 -5.77 -1.50 -8.41
C GLU A 223 -5.24 -1.90 -7.03
N THR A 224 -4.55 -0.97 -6.38
CA THR A 224 -3.95 -1.24 -5.07
C THR A 224 -5.01 -1.23 -3.98
N PHE A 225 -5.86 -0.19 -4.00
CA PHE A 225 -7.02 -0.15 -3.14
C PHE A 225 -7.87 -1.41 -3.31
N GLY A 226 -8.14 -1.79 -4.57
CA GLY A 226 -8.99 -2.95 -4.87
C GLY A 226 -8.39 -4.26 -4.42
N LEU A 227 -7.07 -4.33 -4.47
CA LEU A 227 -6.33 -5.50 -3.96
C LEU A 227 -6.57 -5.69 -2.47
N ILE A 228 -6.39 -4.60 -1.72
CA ILE A 228 -6.61 -4.64 -0.28
C ILE A 228 -8.09 -4.89 0.04
N ASP A 229 -8.97 -4.23 -0.70
CA ASP A 229 -10.41 -4.39 -0.52
C ASP A 229 -10.83 -5.84 -0.74
N THR A 230 -10.22 -6.49 -1.73
CA THR A 230 -10.51 -7.91 -2.00
C THR A 230 -10.08 -8.79 -0.83
N ALA A 231 -8.85 -8.60 -0.36
CA ALA A 231 -8.36 -9.40 0.76
C ALA A 231 -9.20 -9.12 2.01
N GLU A 232 -9.56 -7.85 2.23
CA GLU A 232 -10.35 -7.48 3.42
C GLU A 232 -11.79 -8.02 3.34
N LYS A 233 -12.35 -8.04 2.14
CA LYS A 233 -13.68 -8.63 1.90
C LYS A 233 -13.67 -10.13 2.23
N SER A 234 -12.66 -10.82 1.72
CA SER A 234 -12.50 -12.23 2.07
C SER A 234 -12.37 -12.39 3.59
N ALA A 235 -11.53 -11.55 4.21
CA ALA A 235 -11.38 -11.58 5.66
C ALA A 235 -12.73 -11.36 6.39
N GLN A 236 -13.53 -10.43 5.88
CA GLN A 236 -14.84 -10.16 6.45
C GLN A 236 -15.74 -11.38 6.41
N VAL A 237 -15.75 -12.04 5.25
CA VAL A 237 -16.49 -13.30 5.09
C VAL A 237 -15.98 -14.35 6.07
N LEU A 238 -14.66 -14.53 6.12
CA LEU A 238 -14.06 -15.50 7.04
C LEU A 238 -14.44 -15.21 8.50
N VAL A 239 -14.41 -13.94 8.91
CA VAL A 239 -14.76 -13.63 10.30
C VAL A 239 -16.20 -14.03 10.61
N LYS A 240 -17.11 -13.78 9.67
CA LYS A 240 -18.48 -14.25 9.82
C LYS A 240 -18.56 -15.77 9.94
N VAL A 241 -17.89 -16.46 9.02
CA VAL A 241 -17.92 -17.92 8.97
C VAL A 241 -17.34 -18.52 10.26
N TYR A 242 -16.19 -18.00 10.68
CA TYR A 242 -15.58 -18.48 11.92
C TYR A 242 -16.48 -18.17 13.11
N SER A 243 -17.14 -17.01 13.11
CA SER A 243 -18.05 -16.66 14.20
C SER A 243 -19.27 -17.57 14.27
N MET A 244 -19.63 -18.14 13.12
CA MET A 244 -20.74 -19.10 13.03
C MET A 244 -20.33 -20.54 13.33
N GLY A 245 -19.07 -20.75 13.68
CA GLY A 245 -18.58 -22.08 13.99
C GLY A 245 -17.63 -22.72 12.99
N GLY A 246 -17.31 -22.01 11.91
CA GLY A 246 -16.35 -22.51 10.93
C GLY A 246 -17.00 -23.05 9.66
N MET A 247 -16.14 -23.41 8.70
CA MET A 247 -16.58 -23.88 7.39
CA MET A 247 -16.61 -23.87 7.39
C MET A 247 -17.18 -25.28 7.44
N GLY A 248 -18.38 -25.44 6.90
CA GLY A 248 -18.94 -26.76 6.64
C GLY A 248 -18.47 -27.22 5.27
N GLN A 249 -18.26 -26.26 4.37
CA GLN A 249 -17.66 -26.53 3.07
C GLN A 249 -16.90 -25.28 2.61
N THR A 250 -16.07 -25.45 1.60
CA THR A 250 -15.21 -24.36 1.16
C THR A 250 -14.70 -24.60 -0.26
N ILE A 251 -13.93 -23.66 -0.78
CA ILE A 251 -13.33 -23.85 -2.09
C ILE A 251 -12.19 -24.86 -1.94
N SER A 252 -12.24 -25.92 -2.74
CA SER A 252 -11.27 -27.02 -2.65
C SER A 252 -9.96 -26.66 -3.35
N ALA A 253 -8.88 -27.41 -3.06
CA ALA A 253 -7.61 -27.20 -3.76
C ALA A 253 -7.81 -27.39 -5.27
N ALA A 254 -8.58 -28.40 -5.63
CA ALA A 254 -8.83 -28.73 -7.05
C ALA A 254 -9.55 -27.59 -7.76
N GLU A 255 -10.47 -26.96 -7.05
CA GLU A 255 -11.18 -25.77 -7.56
C GLU A 255 -10.24 -24.59 -7.72
N LEU A 256 -9.39 -24.34 -6.73
CA LEU A 256 -8.39 -23.28 -6.80
C LEU A 256 -7.44 -23.49 -7.99
N ILE A 257 -7.04 -24.74 -8.20
CA ILE A 257 -6.17 -25.09 -9.34
C ILE A 257 -6.86 -24.77 -10.66
N ALA A 258 -8.12 -25.20 -10.80
CA ALA A 258 -8.91 -24.96 -12.00
C ALA A 258 -9.08 -23.46 -12.24
N LEU A 259 -9.32 -22.74 -11.15
CA LEU A 259 -9.43 -21.29 -11.22
C LEU A 259 -8.14 -20.64 -11.72
N GLY A 260 -7.00 -21.09 -11.17
CA GLY A 260 -5.68 -20.59 -11.58
C GLY A 260 -5.43 -20.84 -13.05
N LYS A 261 -5.75 -22.06 -13.51
CA LYS A 261 -5.59 -22.45 -14.90
CA LYS A 261 -5.59 -22.45 -14.90
C LYS A 261 -6.41 -21.56 -15.83
N ARG A 262 -7.69 -21.38 -15.50
CA ARG A 262 -8.58 -20.57 -16.32
CA ARG A 262 -8.58 -20.56 -16.33
C ARG A 262 -8.08 -19.12 -16.45
N PHE A 263 -7.58 -18.57 -15.35
CA PHE A 263 -7.19 -17.17 -15.36
C PHE A 263 -5.71 -16.91 -15.66
N GLY A 264 -5.00 -17.98 -15.99
CA GLY A 264 -3.58 -17.93 -16.36
C GLY A 264 -2.67 -17.36 -15.28
N VAL A 265 -2.96 -17.71 -14.04
CA VAL A 265 -2.11 -17.32 -12.91
C VAL A 265 -1.51 -18.55 -12.25
N THR A 266 -0.33 -18.39 -11.67
CA THR A 266 0.34 -19.47 -10.97
C THR A 266 0.14 -19.26 -9.46
N PRO A 267 -0.74 -20.07 -8.83
CA PRO A 267 -1.01 -19.84 -7.41
C PRO A 267 0.19 -20.23 -6.56
N LEU A 268 0.42 -19.47 -5.49
CA LEU A 268 1.51 -19.74 -4.56
C LEU A 268 1.48 -21.22 -4.20
N ALA A 269 2.58 -21.91 -4.49
CA ALA A 269 2.65 -23.35 -4.30
C ALA A 269 2.33 -23.80 -2.88
N SER A 270 2.95 -23.14 -1.90
CA SER A 270 2.81 -23.52 -0.48
C SER A 270 1.36 -23.48 -0.02
N ALA A 271 0.64 -22.44 -0.43
CA ALA A 271 -0.76 -22.27 -0.07
C ALA A 271 -1.65 -23.30 -0.75
N LEU A 272 -1.31 -23.65 -1.98
CA LEU A 272 -2.06 -24.63 -2.76
C LEU A 272 -1.88 -26.04 -2.19
N ALA A 273 -0.68 -26.32 -1.67
CA ALA A 273 -0.31 -27.64 -1.17
C ALA A 273 -1.05 -28.02 0.11
N LEU A 274 -1.63 -27.03 0.79
CA LEU A 274 -2.37 -27.28 2.02
C LEU A 274 -3.67 -28.03 1.77
ZN ZN B . -0.39 1.43 10.68
ZN ZN C . 8.43 26.99 -11.19
P 13P D . 1.75 7.99 10.06
P 13P D . 1.84 7.92 9.83
O1P 13P D . 0.59 8.92 10.30
O1P 13P D . 0.98 8.81 10.71
O2P 13P D . 3.03 8.53 10.62
O2P 13P D . 3.29 8.29 9.96
O3P 13P D . 1.86 7.52 8.64
O3P 13P D . 1.40 7.79 8.40
O1 13P D . 1.47 6.65 10.93
O1 13P D . 1.71 6.41 10.42
C1 13P D . 0.29 5.85 10.71
C1 13P D . 0.46 5.71 10.41
C2 13P D . 0.44 4.37 11.00
C2 13P D . 0.54 4.21 10.60
O2 13P D . -0.50 3.59 10.93
O2 13P D . -0.38 3.46 10.27
C3 13P D . 1.78 3.80 11.38
C3 13P D . 1.77 3.56 11.19
O3 13P D . 1.96 2.52 10.77
O3 13P D . 1.62 3.48 12.61
#